data_2VK2
#
_entry.id   2VK2
#
_cell.length_a   45.745
_cell.length_b   51.535
_cell.length_c   116.091
_cell.angle_alpha   90.00
_cell.angle_beta   90.00
_cell.angle_gamma   90.00
#
_symmetry.space_group_name_H-M   'P 21 21 21'
#
loop_
_entity.id
_entity.type
_entity.pdbx_description
1 polymer 'ABC TRANSPORTER PERIPLASMIC-BINDING PROTEIN YTFQ'
2 non-polymer beta-D-galactofuranose
3 water water
#
_entity_poly.entity_id   1
_entity_poly.type   'polypeptide(L)'
_entity_poly.pdbx_seq_one_letter_code
;APLTVGFSQVGSESGWRAAETNVAKSEAEKRGITLKIADGQQKQENQIKAVRSFVAQGVDAIFIAPVVATGWEPVLKEAK
DAEIPVFLLDRSIDVKDKSLYMTTVTADNILEGKLIGDWLVKEVNGKPCNVVELQGTVGASVAIDRKKGFAEAIKNAPNI
KIIRSQSGDFTRSKGKEVMESFIKAENNGKNICMVYAHNDDMVIGAIQAIKEAGLKPGKDILTGSIDGVPDIYKAMMDGE
ANASVELTPNMAGPAFDALEKYKKDGTMPEKLTLTKSTLYLPDTAKEELEKKKNMGYLEHHHHHHH
;
_entity_poly.pdbx_strand_id   A
#
# COMPACT_ATOMS: atom_id res chain seq x y z
N PRO A 2 12.28 11.58 27.36
CA PRO A 2 11.39 11.79 26.22
C PRO A 2 12.02 11.38 24.90
N LEU A 3 11.25 10.71 24.04
CA LEU A 3 11.73 10.32 22.71
C LEU A 3 11.14 11.22 21.64
N THR A 4 11.97 11.62 20.67
CA THR A 4 11.52 12.32 19.48
C THR A 4 11.81 11.47 18.26
N VAL A 5 10.77 11.23 17.46
CA VAL A 5 10.89 10.44 16.23
C VAL A 5 10.59 11.33 15.04
N GLY A 6 11.45 11.27 14.02
CA GLY A 6 11.20 11.94 12.75
C GLY A 6 10.69 10.90 11.77
N PHE A 7 9.50 11.15 11.21
CA PHE A 7 8.88 10.23 10.25
C PHE A 7 8.85 10.90 8.89
N SER A 8 9.63 10.36 7.95
CA SER A 8 9.56 10.75 6.56
C SER A 8 8.44 9.96 5.88
N GLN A 9 7.32 10.64 5.68
CA GLN A 9 6.11 10.07 5.09
C GLN A 9 6.12 10.35 3.59
N VAL A 10 5.57 9.43 2.81
CA VAL A 10 5.56 9.54 1.34
C VAL A 10 4.75 10.76 0.90
N GLY A 11 3.59 10.92 1.53
CA GLY A 11 2.63 11.95 1.16
C GLY A 11 1.25 11.54 1.64
N SER A 12 0.23 11.89 0.87
CA SER A 12 -1.17 11.57 1.22
C SER A 12 -1.93 11.15 -0.03
N GLU A 13 -1.31 10.26 -0.81
CA GLU A 13 -1.85 9.88 -2.11
C GLU A 13 -3.12 9.03 -2.03
N SER A 14 -3.31 8.34 -0.90
CA SER A 14 -4.46 7.46 -0.72
C SER A 14 -5.09 7.66 0.65
N GLY A 15 -6.34 7.20 0.78
CA GLY A 15 -7.03 7.22 2.07
C GLY A 15 -6.33 6.33 3.08
N TRP A 16 -5.69 5.26 2.60
CA TRP A 16 -4.93 4.39 3.49
C TRP A 16 -3.77 5.13 4.11
N ARG A 17 -3.00 5.87 3.31
CA ARG A 17 -1.83 6.56 3.86
C ARG A 17 -2.24 7.67 4.82
N ALA A 18 -3.36 8.34 4.52
CA ALA A 18 -3.90 9.34 5.43
C ALA A 18 -4.21 8.71 6.78
N ALA A 19 -4.79 7.52 6.77
CA ALA A 19 -5.07 6.77 7.99
C ALA A 19 -3.78 6.36 8.71
N GLU A 20 -2.77 5.92 7.95
CA GLU A 20 -1.49 5.55 8.54
C GLU A 20 -0.88 6.74 9.29
N THR A 21 -0.95 7.92 8.68
CA THR A 21 -0.47 9.15 9.31
C THR A 21 -1.25 9.45 10.59
N ASN A 22 -2.58 9.36 10.52
CA ASN A 22 -3.43 9.58 11.70
C ASN A 22 -3.06 8.63 12.85
N VAL A 23 -2.89 7.35 12.51
CA VAL A 23 -2.57 6.34 13.51
C VAL A 23 -1.14 6.51 14.06
N ALA A 24 -0.21 6.94 13.21
CA ALA A 24 1.14 7.27 13.69
C ALA A 24 1.07 8.35 14.77
N LYS A 25 0.26 9.37 14.54
CA LYS A 25 0.09 10.46 15.50
C LYS A 25 -0.56 9.97 16.80
N SER A 26 -1.65 9.22 16.70
CA SER A 26 -2.34 8.75 17.91
C SER A 26 -1.49 7.73 18.69
N GLU A 27 -0.75 6.88 17.98
CA GLU A 27 0.18 5.96 18.63
C GLU A 27 1.28 6.71 19.37
N ALA A 28 1.87 7.70 18.72
CA ALA A 28 2.91 8.52 19.36
C ALA A 28 2.37 9.22 20.60
N GLU A 29 1.19 9.83 20.47
CA GLU A 29 0.60 10.61 21.55
C GLU A 29 0.35 9.76 22.80
N LYS A 30 -0.24 8.58 22.63
CA LYS A 30 -0.53 7.72 23.79
C LYS A 30 0.72 7.12 24.43
N ARG A 31 1.84 7.12 23.69
CA ARG A 31 3.12 6.64 24.20
C ARG A 31 3.99 7.76 24.78
N GLY A 32 3.54 9.00 24.67
CA GLY A 32 4.32 10.15 25.13
C GLY A 32 5.52 10.46 24.25
N ILE A 33 5.44 10.06 22.98
CA ILE A 33 6.53 10.25 22.03
C ILE A 33 6.22 11.47 21.17
N THR A 34 7.23 12.32 20.99
CA THR A 34 7.12 13.48 20.11
C THR A 34 7.37 13.03 18.68
N LEU A 35 6.38 13.17 17.81
CA LEU A 35 6.48 12.72 16.44
C LEU A 35 6.47 13.91 15.49
N LYS A 36 7.52 14.02 14.69
CA LYS A 36 7.60 15.02 13.63
C LYS A 36 7.40 14.31 12.31
N ILE A 37 6.43 14.77 11.53
CA ILE A 37 6.13 14.14 10.24
C ILE A 37 6.49 15.08 9.09
N ALA A 38 7.37 14.60 8.21
CA ALA A 38 7.71 15.32 6.99
C ALA A 38 6.95 14.68 5.83
N ASP A 39 6.34 15.51 5.00
CA ASP A 39 5.56 15.05 3.86
C ASP A 39 6.42 15.15 2.61
N GLY A 40 6.74 14.00 2.01
CA GLY A 40 7.63 13.95 0.86
C GLY A 40 7.00 14.34 -0.48
N GLN A 41 5.69 14.56 -0.50
CA GLN A 41 4.98 14.95 -1.72
C GLN A 41 5.28 13.99 -2.88
N GLN A 42 5.37 12.70 -2.54
CA GLN A 42 5.60 11.61 -3.51
C GLN A 42 7.00 11.56 -4.12
N LYS A 43 7.94 12.37 -3.62
CA LYS A 43 9.27 12.45 -4.22
C LYS A 43 10.37 11.97 -3.28
N GLN A 44 11.14 10.99 -3.75
CA GLN A 44 12.22 10.43 -2.95
C GLN A 44 13.22 11.49 -2.47
N GLU A 45 13.57 12.45 -3.32
CA GLU A 45 14.57 13.44 -2.91
C GLU A 45 14.06 14.31 -1.77
N ASN A 46 12.75 14.58 -1.73
CA ASN A 46 12.15 15.28 -0.59
C ASN A 46 12.29 14.47 0.69
N GLN A 47 12.09 13.16 0.58
CA GLN A 47 12.26 12.27 1.72
C GLN A 47 13.70 12.26 2.22
N ILE A 48 14.65 12.19 1.30
CA ILE A 48 16.08 12.18 1.64
C ILE A 48 16.44 13.48 2.36
N LYS A 49 15.97 14.61 1.85
CA LYS A 49 16.18 15.90 2.52
C LYS A 49 15.61 15.90 3.94
N ALA A 50 14.42 15.33 4.11
CA ALA A 50 13.78 15.26 5.43
C ALA A 50 14.60 14.40 6.39
N VAL A 51 15.05 13.24 5.92
CA VAL A 51 15.87 12.35 6.73
C VAL A 51 17.16 13.06 7.16
N ARG A 52 17.80 13.76 6.22
CA ARG A 52 19.00 14.53 6.54
C ARG A 52 18.73 15.60 7.59
N SER A 53 17.57 16.25 7.51
CA SER A 53 17.19 17.24 8.52
C SER A 53 17.01 16.58 9.88
N PHE A 54 16.33 15.44 9.92
CA PHE A 54 16.14 14.72 11.18
C PHE A 54 17.48 14.30 11.80
N VAL A 55 18.42 13.87 10.97
CA VAL A 55 19.76 13.52 11.43
C VAL A 55 20.45 14.74 12.03
N ALA A 56 20.41 15.85 11.32
CA ALA A 56 21.03 17.10 11.78
C ALA A 56 20.44 17.56 13.12
N GLN A 57 19.12 17.41 13.26
CA GLN A 57 18.43 17.79 14.50
C GLN A 57 18.77 16.91 15.68
N GLY A 58 19.16 15.67 15.43
CA GLY A 58 19.48 14.73 16.49
C GLY A 58 18.25 14.09 17.13
N VAL A 59 17.26 13.73 16.30
CA VAL A 59 16.12 12.94 16.78
C VAL A 59 16.60 11.59 17.29
N ASP A 60 15.77 10.93 18.09
CA ASP A 60 16.14 9.64 18.68
C ASP A 60 16.00 8.49 17.71
N ALA A 61 15.11 8.63 16.74
CA ALA A 61 14.87 7.59 15.75
C ALA A 61 14.24 8.20 14.53
N ILE A 62 14.44 7.54 13.39
CA ILE A 62 13.85 7.96 12.13
C ILE A 62 12.99 6.83 11.57
N PHE A 63 11.76 7.18 11.21
CA PHE A 63 10.87 6.25 10.52
C PHE A 63 10.81 6.74 9.07
N ILE A 64 10.87 5.81 8.12
CA ILE A 64 10.76 6.16 6.71
C ILE A 64 9.77 5.20 6.05
N ALA A 65 8.82 5.76 5.31
CA ALA A 65 8.02 4.96 4.37
C ALA A 65 8.66 5.20 3.01
N PRO A 66 9.52 4.28 2.56
CA PRO A 66 10.33 4.58 1.37
C PRO A 66 9.53 4.53 0.07
N VAL A 67 9.43 5.67 -0.62
CA VAL A 67 8.52 5.76 -1.77
C VAL A 67 8.86 4.72 -2.84
N VAL A 68 10.15 4.55 -3.12
CA VAL A 68 10.65 3.49 -4.01
C VAL A 68 11.74 2.70 -3.28
N ALA A 69 12.12 1.56 -3.84
CA ALA A 69 13.02 0.63 -3.15
C ALA A 69 14.52 0.97 -3.30
N THR A 70 14.85 1.74 -4.34
CA THR A 70 16.22 2.04 -4.71
C THR A 70 16.67 3.38 -4.15
N GLY A 71 17.99 3.56 -4.06
CA GLY A 71 18.59 4.87 -3.82
C GLY A 71 18.72 5.34 -2.38
N TRP A 72 18.60 4.42 -1.41
CA TRP A 72 18.61 4.82 0.01
C TRP A 72 19.95 4.67 0.71
N GLU A 73 20.93 4.00 0.10
CA GLU A 73 22.19 3.69 0.80
C GLU A 73 22.89 4.94 1.36
N PRO A 74 23.10 5.97 0.52
CA PRO A 74 23.83 7.13 1.04
C PRO A 74 23.22 7.76 2.30
N VAL A 75 21.92 8.02 2.30
CA VAL A 75 21.29 8.69 3.44
C VAL A 75 21.20 7.75 4.66
N LEU A 76 21.02 6.45 4.43
CA LEU A 76 21.00 5.49 5.53
C LEU A 76 22.39 5.36 6.18
N LYS A 77 23.44 5.47 5.39
CA LYS A 77 24.80 5.50 5.93
C LYS A 77 25.00 6.72 6.81
N GLU A 78 24.43 7.85 6.41
CA GLU A 78 24.51 9.07 7.22
C GLU A 78 23.79 8.90 8.56
N ALA A 79 22.59 8.32 8.54
CA ALA A 79 21.86 8.06 9.79
C ALA A 79 22.61 7.07 10.68
N LYS A 80 23.19 6.04 10.08
CA LYS A 80 23.94 5.04 10.84
C LYS A 80 25.18 5.65 11.47
N ASP A 81 25.90 6.49 10.72
CA ASP A 81 27.07 7.19 11.26
C ASP A 81 26.68 8.12 12.42
N ALA A 82 25.47 8.66 12.37
CA ALA A 82 24.95 9.50 13.46
C ALA A 82 24.37 8.67 14.61
N GLU A 83 24.38 7.34 14.46
CA GLU A 83 23.87 6.41 15.48
C GLU A 83 22.39 6.64 15.78
N ILE A 84 21.62 6.93 14.74
CA ILE A 84 20.18 7.11 14.86
C ILE A 84 19.50 5.92 14.19
N PRO A 85 18.79 5.09 14.98
CA PRO A 85 18.15 3.91 14.39
C PRO A 85 17.04 4.27 13.41
N VAL A 86 16.93 3.48 12.34
CA VAL A 86 15.96 3.72 11.28
C VAL A 86 14.99 2.54 11.19
N PHE A 87 13.71 2.87 11.08
CA PHE A 87 12.65 1.87 10.95
C PHE A 87 11.89 2.15 9.67
N LEU A 88 11.71 1.13 8.84
CA LEU A 88 11.00 1.27 7.58
C LEU A 88 9.54 0.86 7.77
N LEU A 89 8.64 1.68 7.24
CA LEU A 89 7.16 1.41 7.34
C LEU A 89 6.57 1.27 5.97
N ASP A 90 5.84 0.15 5.87
CA ASP A 90 4.84 -0.11 4.78
C ASP A 90 5.37 -0.31 3.35
N ARG A 91 6.58 0.16 3.09
CA ARG A 91 7.36 -0.25 1.87
C ARG A 91 8.77 -0.65 2.29
N SER A 92 9.38 -1.40 1.38
CA SER A 92 10.70 -1.97 1.64
C SER A 92 11.74 -1.34 0.71
N ILE A 93 13.01 -1.56 1.06
CA ILE A 93 14.11 -1.10 0.24
C ILE A 93 14.96 -2.29 -0.21
N ASP A 94 15.69 -2.07 -1.30
CA ASP A 94 16.60 -3.07 -1.84
CA ASP A 94 16.60 -3.06 -1.85
C ASP A 94 18.03 -2.60 -1.59
N VAL A 95 18.62 -3.09 -0.51
CA VAL A 95 20.01 -2.80 -0.18
C VAL A 95 20.73 -4.10 0.16
N LYS A 96 22.02 -4.15 -0.15
CA LYS A 96 22.84 -5.31 0.19
CA LYS A 96 22.82 -5.32 0.19
C LYS A 96 23.10 -5.36 1.69
N ASP A 97 23.36 -4.20 2.28
CA ASP A 97 23.67 -4.09 3.70
C ASP A 97 22.41 -3.92 4.52
N LYS A 98 21.90 -5.04 5.05
CA LYS A 98 20.66 -5.06 5.82
C LYS A 98 20.80 -4.41 7.19
N SER A 99 22.03 -4.14 7.61
CA SER A 99 22.27 -3.44 8.88
C SER A 99 22.03 -1.93 8.78
N LEU A 100 21.70 -1.44 7.59
CA LEU A 100 21.38 -0.03 7.38
C LEU A 100 20.03 0.40 7.96
N TYR A 101 19.24 -0.55 8.46
CA TYR A 101 17.99 -0.24 9.13
C TYR A 101 17.66 -1.32 10.14
N MET A 102 16.77 -1.01 11.07
CA MET A 102 16.43 -1.92 12.16
C MET A 102 15.46 -3.00 11.71
N THR A 103 14.32 -2.59 11.17
CA THR A 103 13.30 -3.52 10.71
C THR A 103 12.44 -2.84 9.66
N THR A 104 11.70 -3.65 8.91
CA THR A 104 10.63 -3.17 8.04
C THR A 104 9.32 -3.70 8.59
N VAL A 105 8.40 -2.79 8.92
CA VAL A 105 7.05 -3.17 9.30
C VAL A 105 6.18 -3.09 8.05
N THR A 106 5.59 -4.21 7.66
CA THR A 106 4.93 -4.28 6.36
C THR A 106 4.07 -5.52 6.27
N ALA A 107 3.08 -5.49 5.37
CA ALA A 107 2.40 -6.70 4.97
C ALA A 107 3.31 -7.52 4.07
N ASP A 108 2.95 -8.79 3.87
CA ASP A 108 3.51 -9.60 2.81
C ASP A 108 2.74 -9.20 1.56
N ASN A 109 3.35 -8.34 0.74
CA ASN A 109 2.65 -7.73 -0.39
C ASN A 109 2.52 -8.68 -1.56
N ILE A 110 3.41 -9.66 -1.65
CA ILE A 110 3.25 -10.75 -2.62
C ILE A 110 1.98 -11.52 -2.27
N LEU A 111 1.82 -11.86 -0.99
CA LEU A 111 0.61 -12.54 -0.51
C LEU A 111 -0.66 -11.75 -0.82
N GLU A 112 -0.63 -10.44 -0.63
CA GLU A 112 -1.80 -9.60 -0.93
C GLU A 112 -2.24 -9.80 -2.39
N GLY A 113 -1.28 -9.75 -3.31
CA GLY A 113 -1.57 -9.97 -4.73
C GLY A 113 -2.08 -11.37 -5.00
N LYS A 114 -1.48 -12.36 -4.33
CA LYS A 114 -1.89 -13.75 -4.45
C LYS A 114 -3.33 -13.96 -3.98
N LEU A 115 -3.70 -13.31 -2.89
CA LEU A 115 -5.07 -13.45 -2.37
C LEU A 115 -6.11 -13.00 -3.39
N ILE A 116 -5.84 -11.89 -4.06
CA ILE A 116 -6.74 -11.39 -5.11
C ILE A 116 -6.73 -12.31 -6.33
N GLY A 117 -5.54 -12.76 -6.74
CA GLY A 117 -5.41 -13.68 -7.86
C GLY A 117 -6.12 -15.00 -7.64
N ASP A 118 -5.93 -15.59 -6.46
CA ASP A 118 -6.60 -16.84 -6.10
C ASP A 118 -8.11 -16.67 -6.11
N TRP A 119 -8.58 -15.55 -5.57
CA TRP A 119 -10.01 -15.24 -5.57
C TRP A 119 -10.54 -15.19 -7.01
N LEU A 120 -9.81 -14.50 -7.88
CA LEU A 120 -10.24 -14.34 -9.28
C LEU A 120 -10.31 -15.67 -10.02
N VAL A 121 -9.31 -16.52 -9.81
CA VAL A 121 -9.28 -17.84 -10.45
C VAL A 121 -10.56 -18.61 -10.10
N LYS A 122 -10.93 -18.61 -8.82
CA LYS A 122 -12.14 -19.28 -8.37
C LYS A 122 -13.41 -18.61 -8.91
N GLU A 123 -13.41 -17.28 -8.91
CA GLU A 123 -14.58 -16.51 -9.34
C GLU A 123 -14.96 -16.77 -10.80
N VAL A 124 -13.97 -16.72 -11.70
CA VAL A 124 -14.26 -16.90 -13.12
C VAL A 124 -14.35 -18.37 -13.54
N ASN A 125 -13.80 -19.27 -12.72
CA ASN A 125 -14.04 -20.71 -12.84
C ASN A 125 -13.78 -21.27 -14.25
N GLY A 126 -12.65 -20.89 -14.83
CA GLY A 126 -12.22 -21.41 -16.12
C GLY A 126 -12.64 -20.58 -17.32
N LYS A 127 -13.53 -19.61 -17.11
CA LYS A 127 -14.06 -18.81 -18.22
C LYS A 127 -13.07 -17.73 -18.64
N PRO A 128 -13.15 -17.28 -19.90
CA PRO A 128 -12.21 -16.25 -20.36
C PRO A 128 -12.35 -14.96 -19.54
N CYS A 129 -11.20 -14.36 -19.19
CA CYS A 129 -11.20 -13.15 -18.38
C CYS A 129 -10.00 -12.31 -18.68
N ASN A 130 -10.24 -11.26 -19.37
CA ASN A 130 -9.22 -10.24 -19.61
C ASN A 130 -9.14 -9.28 -18.45
N VAL A 131 -7.93 -9.18 -17.90
CA VAL A 131 -7.64 -8.33 -16.76
C VAL A 131 -6.92 -7.06 -17.21
N VAL A 132 -7.31 -5.92 -16.66
CA VAL A 132 -6.52 -4.70 -16.77
C VAL A 132 -5.99 -4.38 -15.39
N GLU A 133 -4.71 -4.01 -15.33
CA GLU A 133 -4.02 -3.80 -14.07
C GLU A 133 -3.66 -2.33 -13.86
N LEU A 134 -4.08 -1.79 -12.72
CA LEU A 134 -3.67 -0.46 -12.30
C LEU A 134 -2.57 -0.65 -11.26
N GLN A 135 -1.33 -0.42 -11.67
CA GLN A 135 -0.19 -0.60 -10.78
C GLN A 135 -0.01 0.59 -9.85
N GLY A 136 0.66 0.35 -8.73
CA GLY A 136 1.08 1.42 -7.86
C GLY A 136 2.27 2.17 -8.44
N THR A 137 2.78 3.12 -7.65
CA THR A 137 3.92 3.92 -8.02
C THR A 137 5.07 3.08 -8.55
N VAL A 138 5.61 3.48 -9.71
CA VAL A 138 6.71 2.75 -10.33
C VAL A 138 7.91 2.73 -9.38
N GLY A 139 8.43 1.54 -9.12
CA GLY A 139 9.58 1.38 -8.24
C GLY A 139 9.26 1.12 -6.78
N ALA A 140 8.00 1.33 -6.38
CA ALA A 140 7.58 1.02 -5.02
C ALA A 140 7.63 -0.48 -4.81
N SER A 141 8.24 -0.93 -3.71
CA SER A 141 8.35 -2.37 -3.46
C SER A 141 6.99 -3.03 -3.50
N VAL A 142 5.99 -2.35 -2.94
CA VAL A 142 4.63 -2.87 -2.84
C VAL A 142 3.98 -3.06 -4.21
N ALA A 143 4.29 -2.19 -5.17
CA ALA A 143 3.78 -2.34 -6.53
C ALA A 143 4.43 -3.53 -7.23
N ILE A 144 5.75 -3.64 -7.10
CA ILE A 144 6.48 -4.76 -7.66
C ILE A 144 5.96 -6.08 -7.10
N ASP A 145 5.77 -6.13 -5.79
CA ASP A 145 5.35 -7.35 -5.11
C ASP A 145 3.89 -7.72 -5.38
N ARG A 146 3.00 -6.72 -5.38
CA ARG A 146 1.59 -6.97 -5.69
C ARG A 146 1.39 -7.43 -7.12
N LYS A 147 2.19 -6.89 -8.04
CA LYS A 147 2.18 -7.36 -9.42
C LYS A 147 2.60 -8.82 -9.49
N LYS A 148 3.70 -9.17 -8.81
CA LYS A 148 4.21 -10.54 -8.82
C LYS A 148 3.23 -11.52 -8.21
N GLY A 149 2.66 -11.18 -7.05
CA GLY A 149 1.74 -12.09 -6.37
C GLY A 149 0.52 -12.46 -7.19
N PHE A 150 -0.08 -11.45 -7.82
CA PHE A 150 -1.23 -11.67 -8.68
C PHE A 150 -0.85 -12.50 -9.90
N ALA A 151 0.28 -12.15 -10.53
CA ALA A 151 0.77 -12.85 -11.70
C ALA A 151 1.01 -14.33 -11.43
N GLU A 152 1.61 -14.64 -10.30
CA GLU A 152 1.88 -16.03 -9.92
C GLU A 152 0.59 -16.80 -9.66
N ALA A 153 -0.37 -16.14 -9.01
CA ALA A 153 -1.64 -16.79 -8.67
C ALA A 153 -2.47 -17.18 -9.90
N ILE A 154 -2.36 -16.43 -10.98
CA ILE A 154 -3.15 -16.71 -12.20
C ILE A 154 -2.40 -17.54 -13.24
N LYS A 155 -1.17 -17.92 -12.94
CA LYS A 155 -0.30 -18.57 -13.94
C LYS A 155 -0.88 -19.87 -14.49
N ASN A 156 -1.50 -20.68 -13.64
CA ASN A 156 -2.09 -21.94 -14.05
C ASN A 156 -3.55 -21.81 -14.51
N ALA A 157 -3.99 -20.58 -14.74
CA ALA A 157 -5.32 -20.29 -15.26
C ALA A 157 -5.17 -19.42 -16.51
N PRO A 158 -4.75 -20.02 -17.64
CA PRO A 158 -4.46 -19.24 -18.85
C PRO A 158 -5.70 -18.62 -19.50
N ASN A 159 -6.87 -19.07 -19.10
CA ASN A 159 -8.11 -18.34 -19.36
C ASN A 159 -8.06 -16.90 -18.84
N ILE A 160 -7.29 -16.56 -17.84
CA ILE A 160 -7.09 -15.21 -17.35
C ILE A 160 -5.84 -14.62 -18.02
N LYS A 161 -6.01 -13.46 -18.64
CA LYS A 161 -4.91 -12.78 -19.34
C LYS A 161 -4.90 -11.31 -18.96
N ILE A 162 -3.74 -10.81 -18.54
CA ILE A 162 -3.56 -9.38 -18.31
C ILE A 162 -3.30 -8.72 -19.66
N ILE A 163 -4.25 -7.89 -20.10
CA ILE A 163 -4.17 -7.26 -21.42
C ILE A 163 -3.69 -5.80 -21.39
N ARG A 164 -3.79 -5.17 -20.22
CA ARG A 164 -3.34 -3.81 -20.02
C ARG A 164 -2.72 -3.70 -18.64
N SER A 165 -1.65 -2.94 -18.51
CA SER A 165 -1.05 -2.69 -17.21
C SER A 165 -0.28 -1.39 -17.23
N GLN A 166 -0.69 -0.44 -16.39
CA GLN A 166 -0.04 0.87 -16.28
C GLN A 166 -0.17 1.33 -14.84
N SER A 167 0.75 2.20 -14.42
CA SER A 167 0.69 2.77 -13.08
C SER A 167 -0.43 3.81 -12.98
N GLY A 168 -1.21 3.72 -11.91
CA GLY A 168 -2.18 4.75 -11.57
C GLY A 168 -1.73 5.57 -10.37
N ASP A 169 -0.43 5.51 -10.05
CA ASP A 169 0.19 6.34 -9.00
C ASP A 169 -0.41 6.18 -7.60
N PHE A 170 -1.15 5.10 -7.37
CA PHE A 170 -1.85 4.86 -6.10
C PHE A 170 -2.95 5.89 -5.76
N THR A 171 -3.38 6.68 -6.74
CA THR A 171 -4.41 7.70 -6.50
C THR A 171 -5.74 7.39 -7.20
N ARG A 172 -6.81 7.90 -6.62
CA ARG A 172 -8.15 7.77 -7.20
C ARG A 172 -8.22 8.48 -8.56
N SER A 173 -7.68 9.70 -8.63
CA SER A 173 -7.77 10.50 -9.84
CA SER A 173 -7.75 10.52 -9.84
C SER A 173 -7.02 9.87 -11.01
N LYS A 174 -5.80 9.41 -10.76
CA LYS A 174 -5.00 8.80 -11.83
C LYS A 174 -5.53 7.40 -12.18
N GLY A 175 -6.00 6.66 -11.17
CA GLY A 175 -6.67 5.39 -11.41
C GLY A 175 -7.85 5.52 -12.37
N LYS A 176 -8.65 6.56 -12.15
CA LYS A 176 -9.78 6.84 -13.04
C LYS A 176 -9.31 7.18 -14.46
N GLU A 177 -8.32 8.06 -14.56
CA GLU A 177 -7.76 8.48 -15.85
C GLU A 177 -7.23 7.29 -16.65
N VAL A 178 -6.46 6.43 -15.99
CA VAL A 178 -5.88 5.27 -16.65
C VAL A 178 -6.96 4.26 -17.04
N MET A 179 -7.92 4.03 -16.14
CA MET A 179 -9.04 3.13 -16.47
C MET A 179 -9.84 3.63 -17.67
N GLU A 180 -10.06 4.94 -17.74
CA GLU A 180 -10.73 5.54 -18.90
C GLU A 180 -10.00 5.20 -20.20
N SER A 181 -8.67 5.30 -20.18
CA SER A 181 -7.85 4.96 -21.36
C SER A 181 -7.94 3.48 -21.70
N PHE A 182 -7.97 2.62 -20.67
CA PHE A 182 -8.12 1.18 -20.89
C PHE A 182 -9.47 0.84 -21.52
N ILE A 183 -10.53 1.47 -21.00
CA ILE A 183 -11.89 1.25 -21.52
C ILE A 183 -11.98 1.64 -22.99
N LYS A 184 -11.45 2.81 -23.34
CA LYS A 184 -11.45 3.29 -24.72
C LYS A 184 -10.61 2.41 -25.65
N ALA A 185 -9.56 1.80 -25.11
CA ALA A 185 -8.68 0.91 -25.88
C ALA A 185 -9.23 -0.51 -26.02
N GLU A 186 -10.31 -0.83 -25.30
CA GLU A 186 -10.84 -2.19 -25.26
C GLU A 186 -12.35 -2.24 -25.54
N ASN A 187 -12.76 -1.67 -26.67
CA ASN A 187 -14.14 -1.73 -27.15
C ASN A 187 -15.15 -1.18 -26.13
N ASN A 188 -14.93 0.07 -25.72
CA ASN A 188 -15.76 0.71 -24.69
C ASN A 188 -15.89 -0.14 -23.42
N GLY A 189 -14.80 -0.81 -23.05
CA GLY A 189 -14.76 -1.65 -21.86
C GLY A 189 -15.34 -3.05 -22.02
N LYS A 190 -15.91 -3.36 -23.18
CA LYS A 190 -16.57 -4.66 -23.40
C LYS A 190 -15.59 -5.83 -23.43
N ASN A 191 -14.33 -5.57 -23.76
CA ASN A 191 -13.31 -6.61 -23.77
C ASN A 191 -12.55 -6.74 -22.45
N ILE A 192 -13.07 -6.11 -21.38
CA ILE A 192 -12.48 -6.18 -20.05
C ILE A 192 -13.40 -6.97 -19.12
N CYS A 193 -12.83 -7.95 -18.42
CA CYS A 193 -13.55 -8.78 -17.44
C CYS A 193 -13.34 -8.28 -16.01
N MET A 194 -12.15 -7.80 -15.71
CA MET A 194 -11.78 -7.46 -14.34
C MET A 194 -10.68 -6.41 -14.31
N VAL A 195 -10.76 -5.50 -13.34
CA VAL A 195 -9.67 -4.58 -13.05
C VAL A 195 -9.03 -4.98 -11.72
N TYR A 196 -7.71 -5.15 -11.77
CA TYR A 196 -6.89 -5.42 -10.60
C TYR A 196 -6.13 -4.16 -10.29
N ALA A 197 -6.40 -3.55 -9.14
CA ALA A 197 -5.71 -2.33 -8.74
C ALA A 197 -4.86 -2.60 -7.52
N HIS A 198 -3.62 -2.12 -7.54
CA HIS A 198 -2.71 -2.34 -6.42
C HIS A 198 -3.15 -1.64 -5.13
N ASN A 199 -4.04 -0.65 -5.23
CA ASN A 199 -4.76 -0.19 -4.05
C ASN A 199 -6.23 0.09 -4.35
N ASP A 200 -7.03 0.13 -3.29
CA ASP A 200 -8.46 0.40 -3.39
C ASP A 200 -8.75 1.74 -4.07
N ASP A 201 -7.99 2.77 -3.71
N ASP A 201 -7.99 2.77 -3.72
CA ASP A 201 -8.25 4.11 -4.24
CA ASP A 201 -8.28 4.10 -4.24
C ASP A 201 -8.23 4.15 -5.76
C ASP A 201 -8.21 4.18 -5.76
N MET A 202 -7.23 3.52 -6.37
CA MET A 202 -7.17 3.46 -7.84
C MET A 202 -8.39 2.74 -8.41
N VAL A 203 -8.84 1.68 -7.75
CA VAL A 203 -10.01 0.92 -8.22
C VAL A 203 -11.31 1.71 -8.01
N ILE A 204 -11.35 2.56 -6.99
CA ILE A 204 -12.51 3.42 -6.77
C ILE A 204 -12.63 4.45 -7.90
N GLY A 205 -11.50 4.99 -8.34
CA GLY A 205 -11.45 5.81 -9.55
C GLY A 205 -11.88 5.01 -10.77
N ALA A 206 -11.40 3.77 -10.87
CA ALA A 206 -11.78 2.89 -11.97
C ALA A 206 -13.29 2.62 -11.99
N ILE A 207 -13.88 2.43 -10.82
CA ILE A 207 -15.33 2.22 -10.70
C ILE A 207 -16.10 3.40 -11.30
N GLN A 208 -15.64 4.63 -11.05
CA GLN A 208 -16.24 5.82 -11.66
C GLN A 208 -16.16 5.75 -13.19
N ALA A 209 -14.97 5.44 -13.70
CA ALA A 209 -14.77 5.34 -15.15
C ALA A 209 -15.65 4.27 -15.79
N ILE A 210 -15.79 3.14 -15.11
CA ILE A 210 -16.63 2.04 -15.59
C ILE A 210 -18.09 2.48 -15.70
N LYS A 211 -18.59 3.13 -14.64
CA LYS A 211 -19.97 3.65 -14.63
C LYS A 211 -20.19 4.70 -15.72
N GLU A 212 -19.22 5.61 -15.88
CA GLU A 212 -19.33 6.66 -16.90
C GLU A 212 -19.30 6.13 -18.33
N ALA A 213 -18.75 4.93 -18.52
CA ALA A 213 -18.76 4.24 -19.81
C ALA A 213 -20.08 3.50 -20.07
N GLY A 214 -20.98 3.47 -19.09
CA GLY A 214 -22.27 2.81 -19.22
C GLY A 214 -22.25 1.34 -18.84
N LEU A 215 -21.20 0.92 -18.13
CA LEU A 215 -21.05 -0.46 -17.68
C LEU A 215 -21.33 -0.56 -16.18
N LYS A 216 -21.55 -1.78 -15.72
CA LYS A 216 -21.86 -2.05 -14.32
C LYS A 216 -20.62 -2.55 -13.59
N PRO A 217 -20.00 -1.70 -12.75
CA PRO A 217 -18.87 -2.19 -11.97
C PRO A 217 -19.34 -3.24 -10.99
N GLY A 218 -18.53 -4.27 -10.78
CA GLY A 218 -18.90 -5.40 -9.93
C GLY A 218 -19.61 -6.52 -10.68
N LYS A 219 -20.04 -6.26 -11.91
CA LYS A 219 -20.73 -7.26 -12.72
C LYS A 219 -20.11 -7.37 -14.11
N ASP A 220 -20.19 -6.30 -14.90
CA ASP A 220 -19.58 -6.28 -16.24
C ASP A 220 -18.06 -6.28 -16.14
N ILE A 221 -17.54 -5.51 -15.19
CA ILE A 221 -16.11 -5.50 -14.88
C ILE A 221 -15.95 -5.70 -13.37
N LEU A 222 -15.34 -6.83 -13.00
CA LEU A 222 -15.08 -7.15 -11.60
C LEU A 222 -13.97 -6.26 -11.07
N THR A 223 -13.92 -6.07 -9.76
CA THR A 223 -12.83 -5.32 -9.14
C THR A 223 -12.16 -6.14 -8.06
N GLY A 224 -10.83 -6.11 -8.04
CA GLY A 224 -10.01 -6.69 -6.98
C GLY A 224 -8.94 -5.68 -6.63
N SER A 225 -8.80 -5.37 -5.35
CA SER A 225 -7.86 -4.33 -4.93
C SER A 225 -7.40 -4.58 -3.50
N ILE A 226 -6.54 -3.69 -3.00
CA ILE A 226 -5.90 -3.90 -1.71
C ILE A 226 -5.94 -2.62 -0.87
N ASP A 227 -6.26 -2.79 0.40
CA ASP A 227 -6.09 -1.81 1.50
C ASP A 227 -7.20 -1.96 2.54
N GLY A 228 -8.43 -2.12 2.07
CA GLY A 228 -9.59 -2.13 2.94
C GLY A 228 -9.91 -0.75 3.48
N VAL A 229 -9.91 0.25 2.60
CA VAL A 229 -10.35 1.59 3.01
C VAL A 229 -11.87 1.59 3.10
N PRO A 230 -12.44 2.47 3.96
CA PRO A 230 -13.89 2.51 4.11
C PRO A 230 -14.66 2.54 2.78
N ASP A 231 -14.18 3.31 1.82
CA ASP A 231 -14.90 3.49 0.56
C ASP A 231 -14.97 2.24 -0.31
N ILE A 232 -14.05 1.29 -0.14
CA ILE A 232 -14.18 0.02 -0.87
C ILE A 232 -15.33 -0.81 -0.30
N TYR A 233 -15.52 -0.77 1.01
CA TYR A 233 -16.64 -1.49 1.63
C TYR A 233 -17.97 -0.84 1.28
N LYS A 234 -17.99 0.48 1.20
CA LYS A 234 -19.16 1.20 0.72
C LYS A 234 -19.50 0.80 -0.72
N ALA A 235 -18.46 0.67 -1.56
CA ALA A 235 -18.65 0.21 -2.93
C ALA A 235 -19.21 -1.21 -2.97
N MET A 236 -18.68 -2.08 -2.12
CA MET A 236 -19.18 -3.45 -2.03
C MET A 236 -20.67 -3.50 -1.65
N MET A 237 -21.04 -2.67 -0.68
CA MET A 237 -22.44 -2.62 -0.24
C MET A 237 -23.39 -2.12 -1.33
N ASP A 238 -22.89 -1.30 -2.25
CA ASP A 238 -23.65 -0.85 -3.42
C ASP A 238 -23.54 -1.80 -4.60
N GLY A 239 -22.83 -2.92 -4.44
CA GLY A 239 -22.69 -3.92 -5.49
C GLY A 239 -21.68 -3.59 -6.57
N GLU A 240 -20.80 -2.62 -6.31
CA GLU A 240 -19.92 -2.09 -7.34
C GLU A 240 -18.44 -2.48 -7.20
N ALA A 241 -18.11 -3.21 -6.13
CA ALA A 241 -16.76 -3.76 -5.94
C ALA A 241 -16.85 -5.20 -5.43
N ASN A 242 -15.87 -6.03 -5.76
CA ASN A 242 -15.97 -7.47 -5.46
C ASN A 242 -15.04 -8.01 -4.38
N ALA A 243 -13.79 -7.55 -4.35
CA ALA A 243 -12.79 -8.16 -3.47
C ALA A 243 -11.75 -7.15 -3.04
N SER A 244 -11.42 -7.15 -1.75
CA SER A 244 -10.33 -6.31 -1.24
C SER A 244 -9.58 -6.99 -0.10
N VAL A 245 -8.27 -6.82 -0.09
CA VAL A 245 -7.43 -7.34 0.98
C VAL A 245 -7.14 -6.24 1.99
N GLU A 246 -7.44 -6.49 3.26
CA GLU A 246 -7.20 -5.52 4.31
C GLU A 246 -5.71 -5.34 4.60
N LEU A 247 -5.30 -4.09 4.75
CA LEU A 247 -3.96 -3.71 5.18
C LEU A 247 -4.10 -2.82 6.40
N THR A 248 -3.52 -3.21 7.53
CA THR A 248 -3.62 -2.38 8.73
C THR A 248 -2.97 -1.01 8.50
N PRO A 249 -3.66 0.08 8.85
CA PRO A 249 -2.99 1.37 8.87
C PRO A 249 -1.97 1.50 10.01
N ASN A 250 -2.01 0.61 10.99
CA ASN A 250 -1.12 0.70 12.15
C ASN A 250 0.26 0.07 11.88
N MET A 251 1.02 0.74 11.03
CA MET A 251 2.40 0.38 10.77
C MET A 251 3.33 1.01 11.80
N ALA A 252 2.94 2.17 12.32
CA ALA A 252 3.77 2.90 13.28
C ALA A 252 3.82 2.21 14.65
N GLY A 253 2.71 1.60 15.07
CA GLY A 253 2.64 0.93 16.37
C GLY A 253 3.75 -0.07 16.60
N PRO A 254 3.85 -1.10 15.73
CA PRO A 254 4.95 -2.06 15.84
C PRO A 254 6.35 -1.43 15.76
N ALA A 255 6.50 -0.35 15.01
CA ALA A 255 7.79 0.36 14.95
C ALA A 255 8.10 1.03 16.28
N PHE A 256 7.10 1.69 16.87
CA PHE A 256 7.26 2.27 18.21
C PHE A 256 7.55 1.19 19.26
N ASP A 257 6.86 0.05 19.17
CA ASP A 257 7.12 -1.08 20.07
C ASP A 257 8.59 -1.49 20.03
N ALA A 258 9.11 -1.67 18.82
CA ALA A 258 10.50 -2.06 18.62
C ALA A 258 11.47 -0.99 19.11
N LEU A 259 11.15 0.27 18.83
CA LEU A 259 11.99 1.39 19.26
C LEU A 259 12.08 1.46 20.79
N GLU A 260 10.94 1.39 21.46
CA GLU A 260 10.89 1.45 22.92
C GLU A 260 11.72 0.34 23.56
N LYS A 261 11.58 -0.87 23.04
CA LYS A 261 12.36 -2.01 23.54
C LYS A 261 13.86 -1.81 23.32
N TYR A 262 14.21 -1.29 22.14
CA TYR A 262 15.61 -1.04 21.80
C TYR A 262 16.23 0.04 22.69
N LYS A 263 15.53 1.15 22.88
CA LYS A 263 16.02 2.24 23.72
C LYS A 263 16.11 1.84 25.20
N LYS A 264 15.25 0.92 25.63
CA LYS A 264 15.20 0.48 27.02
C LYS A 264 16.40 -0.40 27.41
N ASP A 265 16.79 -1.31 26.53
CA ASP A 265 17.89 -2.24 26.83
C ASP A 265 18.68 -2.79 25.62
N GLY A 266 18.53 -2.17 24.46
CA GLY A 266 19.27 -2.58 23.26
C GLY A 266 18.76 -3.82 22.55
N THR A 267 17.53 -4.24 22.86
CA THR A 267 16.91 -5.37 22.18
C THR A 267 16.65 -5.02 20.71
N MET A 268 17.27 -5.76 19.80
CA MET A 268 17.09 -5.54 18.37
C MET A 268 15.84 -6.28 17.89
N PRO A 269 15.05 -5.65 17.01
CA PRO A 269 13.89 -6.34 16.47
C PRO A 269 14.29 -7.33 15.38
N GLU A 270 13.36 -8.19 14.99
CA GLU A 270 13.54 -9.02 13.81
C GLU A 270 13.59 -8.09 12.60
N LYS A 271 14.30 -8.52 11.56
CA LYS A 271 14.53 -7.66 10.39
C LYS A 271 13.24 -7.39 9.60
N LEU A 272 12.31 -8.33 9.64
CA LEU A 272 11.03 -8.20 8.97
C LEU A 272 9.90 -8.40 9.98
N THR A 273 9.05 -7.38 10.12
CA THR A 273 7.93 -7.40 11.02
C THR A 273 6.64 -7.40 10.20
N LEU A 274 6.05 -8.58 10.03
CA LEU A 274 4.89 -8.74 9.15
C LEU A 274 3.57 -8.42 9.84
N THR A 275 2.69 -7.74 9.11
CA THR A 275 1.31 -7.54 9.53
C THR A 275 0.41 -8.55 8.81
N LYS A 276 -0.81 -8.73 9.31
CA LYS A 276 -1.72 -9.76 8.80
C LYS A 276 -2.55 -9.27 7.61
N SER A 277 -2.67 -10.13 6.59
CA SER A 277 -3.49 -9.86 5.41
C SER A 277 -4.71 -10.77 5.37
N THR A 278 -5.88 -10.18 5.10
CA THR A 278 -7.13 -10.93 5.04
C THR A 278 -7.97 -10.47 3.86
N LEU A 279 -8.45 -11.42 3.07
CA LEU A 279 -9.37 -11.13 1.97
C LEU A 279 -10.77 -10.87 2.50
N TYR A 280 -11.39 -9.79 2.04
CA TYR A 280 -12.77 -9.47 2.38
C TYR A 280 -13.61 -9.32 1.12
N LEU A 281 -14.82 -9.88 1.18
CA LEU A 281 -15.78 -9.85 0.08
C LEU A 281 -17.05 -9.15 0.57
N PRO A 282 -18.00 -8.86 -0.35
CA PRO A 282 -19.19 -8.08 0.04
C PRO A 282 -20.01 -8.62 1.21
N ASP A 283 -19.98 -9.93 1.44
CA ASP A 283 -20.73 -10.54 2.54
C ASP A 283 -20.31 -10.05 3.94
N THR A 284 -19.10 -9.50 4.05
CA THR A 284 -18.62 -8.95 5.32
C THR A 284 -18.38 -7.44 5.28
N ALA A 285 -18.81 -6.79 4.18
CA ALA A 285 -18.49 -5.37 3.95
C ALA A 285 -19.05 -4.45 5.03
N LYS A 286 -20.30 -4.66 5.41
CA LYS A 286 -20.94 -3.83 6.44
C LYS A 286 -20.20 -3.93 7.76
N GLU A 287 -19.87 -5.15 8.17
CA GLU A 287 -19.14 -5.39 9.42
C GLU A 287 -17.76 -4.74 9.41
N GLU A 288 -17.04 -4.86 8.29
CA GLU A 288 -15.71 -4.26 8.17
C GLU A 288 -15.77 -2.75 8.14
N LEU A 289 -16.75 -2.19 7.44
CA LEU A 289 -16.96 -0.74 7.40
C LEU A 289 -17.19 -0.16 8.80
N GLU A 290 -17.91 -0.89 9.64
CA GLU A 290 -18.16 -0.48 11.02
C GLU A 290 -16.87 -0.51 11.87
N LYS A 291 -16.00 -1.46 11.57
CA LYS A 291 -14.71 -1.57 12.27
C LYS A 291 -13.74 -0.47 11.85
N LYS A 292 -13.68 -0.19 10.54
CA LYS A 292 -12.77 0.82 9.98
C LYS A 292 -12.44 1.92 10.98
N LYS A 293 -14.20 4.04 11.00
CA LYS A 293 -13.82 5.29 11.71
C LYS A 293 -12.95 5.03 12.95
N ASN A 294 -12.88 3.77 13.40
CA ASN A 294 -12.13 3.41 14.61
C ASN A 294 -10.75 2.79 14.36
N MET A 295 -10.27 2.82 13.12
CA MET A 295 -8.96 2.26 12.76
C MET A 295 -8.01 3.31 12.17
N GLY A 296 -8.35 4.59 12.36
CA GLY A 296 -7.54 5.70 11.84
C GLY A 296 -8.20 6.47 10.70
N TYR A 297 -9.31 5.93 10.19
CA TYR A 297 -10.03 6.58 9.09
C TYR A 297 -11.01 7.61 9.64
#